data_8P79
#
_entry.id   8P79
#
_cell.length_a   1.00
_cell.length_b   1.00
_cell.length_c   1.00
_cell.angle_alpha   90.00
_cell.angle_beta   90.00
_cell.angle_gamma   90.00
#
_symmetry.space_group_name_H-M   'P 1'
#
loop_
_entity.id
_entity.type
_entity.pdbx_description
1 polymer 'CDK-activating kinase assembly factor MAT1'
2 polymer Cyclin-H
3 polymer 'Cyclin-dependent kinase 7'
4 water water
#
loop_
_entity_poly.entity_id
_entity_poly.type
_entity_poly.pdbx_seq_one_letter_code
_entity_poly.pdbx_strand_id
1 'polypeptide(L)'
;SNAPVTFSTGIKMGQHISLAPIHKLEEALYEYQPLQIETYGPHVPELEMLGRLGYLNHVRAASPQDLAGGYTSSLACHRA
LQDAFSGLFWQPS
;
H
2 'polypeptide(L)'
;(ACE)MYHNSSQKRHWTFSSEEQLARLRADANRKFRCKAVANGKVLPNDPVFLEPHEEMTLCKYYEKRLLEFCSVFKPAM
PRSVVGTACMYFKRFYLNNSVMEYHPRIIMLTCAFLACKVDEFNVSSPQFVGNLRESPLGQEKALEQILEYELLLIQQLN
FHLIVHNPYRPFEGFLIDLKTRYPILENPEILRKTADDFLNRIALTDAYLLYTPSQIALTAILSSASRAGITMESYLSES
LMLKENRTCLSQLLDIMKSMRNLVKKYEPPRSEEVAVLKQKLERCHSAELALNVITKKRKGYEDDDYVSKKSKHEEEEWT
DDDLVESL
;
I
3 'polypeptide(L)'
;SNAMALDVKSRAKRYEKLDFLGEGQFATVYKARDKNTNQIVAIKKIKLGHRSEAKDGINRTALREIKLLQELSHPNIIGL
LDAFGHKSNISLVFDFMETDLEVIIKDNSLVLTPSHIKAYMLMTLQGLEYLHQHWILHRDLKPNNLLLDENGVLKLADFG
LAKSFGSPNRAYTHQVVTRWYRAPELLFGARMYGVGVDMWAVGCILAELLLRVPFLPGDSDLDQLTRIFETLGTPTEEQW
PDMCSLPDYVTFKSFPGIPLHHIFSAAGDDLLDLIQGLFLFNPCARITATQALKMKYFSNRPGPTPGCQLPRPNCPVETL
KEQSNPALAIKRKRTEALEQGGLPKKLIF
;
J
#
loop_
_chem_comp.id
_chem_comp.type
_chem_comp.name
_chem_comp.formula
ACE non-polymer 'ACETYL GROUP' 'C2 H4 O'
#
# COMPACT_ATOMS: atom_id res chain seq x y z
N ALA A 28 7.17 2.33 35.77
CA ALA A 28 6.37 2.25 34.51
C ALA A 28 7.31 2.35 33.30
N LEU A 29 8.36 1.52 33.27
CA LEU A 29 9.45 1.57 32.26
C LEU A 29 9.02 0.80 31.00
N TYR A 30 9.41 1.31 29.83
CA TYR A 30 9.08 0.69 28.52
C TYR A 30 10.00 -0.51 28.31
N GLU A 31 9.50 -1.52 27.60
CA GLU A 31 10.26 -2.70 27.14
C GLU A 31 9.79 -3.02 25.73
N TYR A 32 10.72 -3.20 24.79
CA TYR A 32 10.39 -3.52 23.39
C TYR A 32 9.78 -4.92 23.31
N GLN A 33 8.55 -5.01 22.80
CA GLN A 33 7.92 -6.29 22.35
C GLN A 33 7.79 -6.21 20.83
N PRO A 34 8.21 -7.25 20.06
CA PRO A 34 7.95 -7.28 18.62
C PRO A 34 6.45 -7.26 18.30
N LEU A 35 6.07 -6.72 17.14
CA LEU A 35 4.65 -6.68 16.68
C LEU A 35 4.17 -8.11 16.45
N GLN A 36 3.06 -8.49 17.08
CA GLN A 36 2.44 -9.84 16.95
C GLN A 36 1.40 -9.76 15.82
N ILE A 37 1.82 -10.08 14.59
CA ILE A 37 0.92 -10.11 13.39
C ILE A 37 0.99 -11.51 12.76
N GLU A 38 -0.09 -12.27 12.88
CA GLU A 38 -0.23 -13.60 12.25
C GLU A 38 -0.19 -13.41 10.73
N THR A 39 0.73 -14.07 10.05
CA THR A 39 0.88 -14.02 8.59
C THR A 39 0.15 -15.18 7.89
N TYR A 40 -0.24 -16.24 8.63
CA TYR A 40 -0.91 -17.44 8.08
C TYR A 40 -0.08 -18.09 6.98
N GLY A 41 1.26 -18.05 7.10
CA GLY A 41 2.14 -18.66 6.09
C GLY A 41 3.51 -19.03 6.65
N PRO A 42 4.40 -19.61 5.83
CA PRO A 42 5.73 -20.02 6.28
C PRO A 42 6.55 -18.86 6.86
N HIS A 43 7.57 -19.20 7.65
CA HIS A 43 8.49 -18.24 8.31
C HIS A 43 9.30 -17.51 7.22
N VAL A 44 9.31 -16.18 7.26
CA VAL A 44 10.17 -15.34 6.38
C VAL A 44 11.48 -15.09 7.12
N PRO A 45 12.66 -15.34 6.50
CA PRO A 45 13.93 -15.06 7.18
C PRO A 45 14.11 -13.55 7.42
N GLU A 46 14.75 -13.16 8.52
CA GLU A 46 14.97 -11.74 8.91
C GLU A 46 15.76 -11.04 7.79
N LEU A 47 15.49 -9.75 7.58
CA LEU A 47 16.10 -8.89 6.53
C LEU A 47 17.63 -9.04 6.56
N GLU A 48 18.24 -8.94 7.75
CA GLU A 48 19.71 -8.90 7.93
C GLU A 48 20.33 -10.28 7.63
N MET A 49 19.54 -11.35 7.64
CA MET A 49 20.01 -12.75 7.41
C MET A 49 19.99 -13.09 5.91
N LEU A 50 19.27 -12.32 5.08
CA LEU A 50 19.03 -12.67 3.66
C LEU A 50 20.35 -12.83 2.92
N GLY A 51 21.34 -11.97 3.20
CA GLY A 51 22.67 -12.05 2.59
C GLY A 51 23.31 -13.38 2.90
N ARG A 52 23.41 -13.70 4.20
CA ARG A 52 24.07 -14.91 4.75
C ARG A 52 23.38 -16.19 4.22
N LEU A 53 22.04 -16.17 4.13
CA LEU A 53 21.23 -17.36 3.75
C LEU A 53 21.22 -17.56 2.23
N GLY A 54 21.74 -16.60 1.45
CA GLY A 54 21.96 -16.74 0.00
C GLY A 54 20.80 -16.23 -0.84
N TYR A 55 19.82 -15.55 -0.24
CA TYR A 55 18.65 -15.02 -1.01
C TYR A 55 19.09 -13.92 -1.99
N LEU A 56 20.05 -13.06 -1.60
CA LEU A 56 20.39 -11.83 -2.37
C LEU A 56 21.11 -12.19 -3.66
N ASN A 57 21.54 -13.43 -3.83
CA ASN A 57 22.11 -13.96 -5.09
C ASN A 57 21.05 -14.05 -6.20
N HIS A 58 19.75 -13.92 -5.86
CA HIS A 58 18.60 -14.14 -6.79
C HIS A 58 17.75 -12.87 -6.91
N VAL A 59 18.15 -11.77 -6.27
CA VAL A 59 17.55 -10.41 -6.45
C VAL A 59 18.61 -9.51 -7.08
N ARG A 60 18.18 -8.52 -7.86
CA ARG A 60 19.09 -7.57 -8.58
C ARG A 60 19.76 -6.67 -7.54
N ALA A 61 21.04 -6.38 -7.75
CA ALA A 61 21.87 -5.53 -6.86
C ALA A 61 21.35 -4.08 -6.92
N ALA A 62 21.22 -3.42 -5.77
CA ALA A 62 20.92 -1.97 -5.66
C ALA A 62 22.12 -1.18 -6.18
N SER A 63 21.86 -0.17 -7.04
CA SER A 63 22.91 0.68 -7.67
C SER A 63 23.50 1.60 -6.60
N PRO A 64 24.70 2.19 -6.82
CA PRO A 64 25.26 3.17 -5.88
C PRO A 64 24.26 4.26 -5.47
N GLN A 65 23.58 4.87 -6.44
CA GLN A 65 22.57 5.94 -6.21
C GLN A 65 21.43 5.39 -5.35
N ASP A 66 20.95 4.18 -5.62
CA ASP A 66 19.92 3.48 -4.79
C ASP A 66 20.43 3.36 -3.36
N LEU A 67 21.63 2.80 -3.19
CA LEU A 67 22.32 2.61 -1.89
C LEU A 67 22.47 3.98 -1.20
N ALA A 68 22.91 5.00 -1.95
CA ALA A 68 23.13 6.36 -1.40
C ALA A 68 21.83 6.90 -0.80
N GLY A 69 20.67 6.53 -1.32
CA GLY A 69 19.36 6.93 -0.77
C GLY A 69 18.83 6.02 0.34
N GLY A 70 19.46 4.86 0.55
CA GLY A 70 19.04 3.89 1.57
C GLY A 70 18.17 2.76 1.00
N TYR A 71 18.08 2.64 -0.32
CA TYR A 71 17.40 1.49 -0.98
C TYR A 71 18.42 0.38 -1.16
N THR A 72 18.22 -0.76 -0.49
CA THR A 72 19.06 -1.97 -0.63
C THR A 72 18.25 -3.11 -1.27
N SER A 73 18.95 -3.97 -2.02
CA SER A 73 18.37 -5.19 -2.65
C SER A 73 17.66 -6.05 -1.59
N SER A 74 18.08 -5.99 -0.32
CA SER A 74 17.48 -6.73 0.83
C SER A 74 16.02 -6.31 1.04
N LEU A 75 15.67 -5.05 0.78
CA LEU A 75 14.28 -4.56 0.94
C LEU A 75 13.35 -5.28 -0.05
N ALA A 76 13.65 -5.21 -1.34
CA ALA A 76 12.93 -5.87 -2.44
C ALA A 76 12.74 -7.34 -2.11
N CYS A 77 13.86 -8.03 -1.88
CA CYS A 77 13.89 -9.48 -1.58
C CYS A 77 12.97 -9.81 -0.41
N HIS A 78 13.05 -9.05 0.67
CA HIS A 78 12.28 -9.29 1.90
C HIS A 78 10.80 -9.07 1.61
N ARG A 79 10.47 -8.03 0.84
CA ARG A 79 9.06 -7.74 0.52
C ARG A 79 8.48 -8.90 -0.29
N ALA A 80 9.21 -9.41 -1.29
CA ALA A 80 8.79 -10.50 -2.21
C ALA A 80 8.56 -11.83 -1.45
N LEU A 81 9.47 -12.21 -0.54
CA LEU A 81 9.32 -13.41 0.30
C LEU A 81 8.10 -13.28 1.21
N GLN A 82 7.93 -12.12 1.84
CA GLN A 82 6.79 -11.86 2.73
C GLN A 82 5.49 -12.01 1.92
N ASP A 83 5.45 -11.54 0.67
CA ASP A 83 4.21 -11.58 -0.16
C ASP A 83 3.95 -13.04 -0.56
N ALA A 84 4.99 -13.81 -0.88
CA ALA A 84 4.89 -15.25 -1.27
C ALA A 84 4.31 -16.06 -0.12
N PHE A 85 4.60 -15.73 1.14
CA PHE A 85 4.26 -16.58 2.29
C PHE A 85 2.99 -16.08 2.96
N SER A 86 2.65 -14.78 2.82
CA SER A 86 1.46 -14.18 3.43
C SER A 86 0.25 -15.05 3.06
N GLY A 87 -0.44 -15.61 4.06
CA GLY A 87 -1.75 -16.32 3.90
C GLY A 87 -1.70 -17.57 3.05
N LEU A 88 -0.55 -18.21 2.84
CA LEU A 88 -0.48 -19.47 2.05
C LEU A 88 -1.34 -20.56 2.71
N PHE A 89 -1.50 -20.54 4.02
CA PHE A 89 -2.20 -21.59 4.79
C PHE A 89 -3.64 -21.16 5.13
N TRP A 90 -4.04 -19.92 4.79
CA TRP A 90 -5.32 -19.34 5.28
C TRP A 90 -6.45 -19.87 4.41
N GLN A 91 -7.59 -20.19 5.04
CA GLN A 91 -8.82 -20.61 4.32
C GLN A 91 -9.94 -19.67 4.76
N PRO A 92 -10.75 -19.12 3.82
CA PRO A 92 -11.95 -18.37 4.19
C PRO A 92 -12.92 -19.17 5.08
C ACE B 1 0.07 -4.56 2.78
O ACE B 1 0.76 -4.78 1.86
CH3 ACE B 1 -0.41 -3.15 3.08
N MET B 2 -0.35 -5.50 3.64
CA MET B 2 0.02 -6.95 3.47
C MET B 2 -1.26 -7.81 3.36
N TYR B 3 -1.20 -8.89 2.55
CA TYR B 3 -2.40 -9.73 2.27
C TYR B 3 -3.03 -10.22 3.57
N HIS B 4 -2.20 -10.66 4.54
CA HIS B 4 -2.69 -11.34 5.78
C HIS B 4 -3.49 -10.43 6.69
N ASN B 5 -3.48 -9.09 6.54
CA ASN B 5 -4.44 -8.24 7.28
C ASN B 5 -5.16 -7.27 6.33
N SER B 6 -5.34 -7.69 5.08
CA SER B 6 -5.90 -6.86 3.97
C SER B 6 -7.44 -6.90 3.98
N SER B 7 -8.04 -5.87 3.37
CA SER B 7 -9.50 -5.84 3.07
C SER B 7 -9.81 -6.99 2.12
N GLN B 8 -8.92 -7.30 1.20
CA GLN B 8 -9.11 -8.39 0.20
C GLN B 8 -9.41 -9.71 0.93
N LYS B 9 -8.56 -10.09 1.88
CA LYS B 9 -8.70 -11.33 2.68
C LYS B 9 -9.98 -11.25 3.51
N ARG B 10 -10.15 -10.15 4.24
CA ARG B 10 -11.28 -9.96 5.17
C ARG B 10 -12.61 -10.01 4.40
N HIS B 11 -12.74 -9.31 3.28
CA HIS B 11 -14.07 -8.94 2.71
C HIS B 11 -14.29 -9.48 1.30
N TRP B 12 -13.25 -9.85 0.56
CA TRP B 12 -13.35 -10.19 -0.88
C TRP B 12 -12.72 -11.55 -1.21
N THR B 13 -12.60 -12.44 -0.22
CA THR B 13 -12.19 -13.85 -0.43
C THR B 13 -13.34 -14.68 0.15
N PHE B 14 -14.07 -15.36 -0.72
CA PHE B 14 -15.37 -16.01 -0.41
C PHE B 14 -15.16 -17.51 -0.21
N SER B 15 -16.06 -18.13 0.56
CA SER B 15 -16.01 -19.54 1.02
C SER B 15 -16.16 -20.51 -0.16
N SER B 16 -17.01 -20.22 -1.14
CA SER B 16 -17.21 -21.14 -2.30
C SER B 16 -17.87 -20.42 -3.48
N GLU B 17 -17.84 -21.08 -4.64
CA GLU B 17 -18.56 -20.70 -5.88
C GLU B 17 -20.06 -20.51 -5.61
N GLU B 18 -20.65 -21.40 -4.81
CA GLU B 18 -22.09 -21.33 -4.43
C GLU B 18 -22.37 -19.96 -3.80
N GLN B 19 -21.54 -19.48 -2.88
CA GLN B 19 -21.69 -18.15 -2.22
C GLN B 19 -21.57 -17.02 -3.26
N LEU B 20 -20.69 -17.15 -4.27
CA LEU B 20 -20.55 -16.11 -5.33
C LEU B 20 -21.86 -16.08 -6.12
N ALA B 21 -22.27 -17.25 -6.66
CA ALA B 21 -23.47 -17.44 -7.50
C ALA B 21 -24.70 -16.84 -6.80
N ARG B 22 -24.75 -16.90 -5.47
CA ARG B 22 -25.85 -16.32 -4.66
C ARG B 22 -25.79 -14.79 -4.68
N LEU B 23 -24.59 -14.20 -4.58
CA LEU B 23 -24.45 -12.71 -4.63
C LEU B 23 -24.90 -12.24 -6.01
N ARG B 24 -24.43 -12.91 -7.08
CA ARG B 24 -24.73 -12.58 -8.49
C ARG B 24 -26.22 -12.81 -8.78
N ALA B 25 -26.81 -13.90 -8.23
CA ALA B 25 -28.25 -14.22 -8.40
C ALA B 25 -29.09 -13.12 -7.75
N ASP B 26 -28.72 -12.73 -6.53
CA ASP B 26 -29.36 -11.64 -5.76
C ASP B 26 -29.30 -10.33 -6.55
N ALA B 27 -28.18 -10.07 -7.24
CA ALA B 27 -27.99 -8.85 -8.07
C ALA B 27 -29.02 -8.86 -9.19
N ASN B 28 -29.17 -9.99 -9.87
CA ASN B 28 -30.01 -10.20 -11.08
C ASN B 28 -31.47 -10.00 -10.70
N ARG B 29 -31.92 -10.61 -9.60
CA ARG B 29 -33.34 -10.54 -9.14
C ARG B 29 -33.63 -9.16 -8.52
N LYS B 30 -32.66 -8.53 -7.84
CA LYS B 30 -32.82 -7.16 -7.25
C LYS B 30 -33.02 -6.11 -8.35
N PHE B 31 -32.34 -6.24 -9.50
CA PHE B 31 -32.54 -5.34 -10.65
C PHE B 31 -33.93 -5.56 -11.25
N ARG B 32 -34.25 -6.83 -11.55
CA ARG B 32 -35.56 -7.27 -12.11
C ARG B 32 -36.71 -6.64 -11.30
N CYS B 33 -36.58 -6.63 -9.97
CA CYS B 33 -37.60 -6.09 -9.02
C CYS B 33 -37.72 -4.56 -9.14
N LYS B 34 -36.62 -3.86 -9.47
CA LYS B 34 -36.61 -2.39 -9.71
C LYS B 34 -37.29 -2.10 -11.05
N ALA B 35 -36.88 -2.80 -12.12
CA ALA B 35 -37.35 -2.62 -13.52
C ALA B 35 -38.85 -2.89 -13.62
N VAL B 36 -39.33 -3.96 -12.98
CA VAL B 36 -40.78 -4.35 -12.92
C VAL B 36 -41.55 -3.28 -12.12
N ALA B 37 -40.99 -2.80 -11.00
CA ALA B 37 -41.61 -1.78 -10.12
C ALA B 37 -41.74 -0.44 -10.85
N ASN B 38 -40.78 -0.11 -11.74
CA ASN B 38 -40.83 1.09 -12.62
C ASN B 38 -41.98 0.95 -13.61
N GLY B 39 -41.91 -0.05 -14.49
CA GLY B 39 -42.93 -0.34 -15.52
C GLY B 39 -44.12 -1.07 -14.94
N ASP B 45 -41.30 -9.60 -19.04
CA ASP B 45 -40.93 -9.88 -20.46
C ASP B 45 -39.56 -10.55 -20.50
N PRO B 46 -39.18 -11.23 -21.62
CA PRO B 46 -37.89 -11.91 -21.69
C PRO B 46 -36.68 -11.02 -22.06
N VAL B 47 -36.81 -9.69 -21.93
CA VAL B 47 -35.71 -8.72 -22.17
C VAL B 47 -34.61 -8.91 -21.10
N PHE B 48 -34.99 -9.28 -19.88
CA PHE B 48 -34.08 -9.51 -18.73
C PHE B 48 -33.09 -10.63 -19.03
N LEU B 49 -31.82 -10.43 -18.65
CA LEU B 49 -30.76 -11.45 -18.75
C LEU B 49 -30.86 -12.37 -17.54
N GLU B 50 -30.62 -13.66 -17.73
CA GLU B 50 -30.50 -14.65 -16.62
C GLU B 50 -29.07 -14.57 -16.06
N PRO B 51 -28.85 -14.95 -14.78
CA PRO B 51 -27.52 -14.86 -14.17
C PRO B 51 -26.40 -15.49 -14.99
N HIS B 52 -26.64 -16.65 -15.60
CA HIS B 52 -25.66 -17.36 -16.49
C HIS B 52 -25.30 -16.49 -17.72
N GLU B 53 -26.24 -15.68 -18.20
CA GLU B 53 -26.03 -14.77 -19.36
C GLU B 53 -25.20 -13.55 -18.90
N GLU B 54 -25.56 -12.96 -17.77
CA GLU B 54 -24.76 -11.89 -17.13
C GLU B 54 -23.31 -12.38 -17.04
N MET B 55 -23.11 -13.58 -16.49
CA MET B 55 -21.78 -14.22 -16.29
C MET B 55 -21.02 -14.32 -17.62
N THR B 56 -21.69 -14.73 -18.71
CA THR B 56 -21.09 -14.80 -20.07
C THR B 56 -20.64 -13.40 -20.54
N LEU B 57 -21.42 -12.37 -20.25
CA LEU B 57 -21.11 -10.99 -20.69
C LEU B 57 -19.92 -10.46 -19.85
N CYS B 58 -19.93 -10.72 -18.55
CA CYS B 58 -18.86 -10.30 -17.59
C CYS B 58 -17.53 -10.93 -18.00
N LYS B 59 -17.54 -12.23 -18.33
CA LYS B 59 -16.35 -12.94 -18.86
C LYS B 59 -15.89 -12.28 -20.16
N TYR B 60 -16.83 -11.86 -21.00
CA TYR B 60 -16.51 -11.25 -22.31
C TYR B 60 -15.87 -9.87 -22.07
N TYR B 61 -16.44 -9.06 -21.18
CA TYR B 61 -15.98 -7.68 -20.92
C TYR B 61 -14.66 -7.73 -20.13
N GLU B 62 -14.49 -8.70 -19.23
CA GLU B 62 -13.20 -8.89 -18.50
C GLU B 62 -12.09 -9.10 -19.53
N LYS B 63 -12.36 -9.88 -20.58
CA LYS B 63 -11.45 -10.07 -21.74
C LYS B 63 -11.20 -8.74 -22.48
N ARG B 64 -12.23 -7.90 -22.65
CA ARG B 64 -12.11 -6.57 -23.30
C ARG B 64 -11.30 -5.61 -22.40
N LEU B 65 -11.44 -5.71 -21.09
CA LEU B 65 -10.64 -4.91 -20.11
C LEU B 65 -9.16 -5.29 -20.27
N LEU B 66 -8.84 -6.57 -20.41
CA LEU B 66 -7.44 -7.05 -20.55
C LEU B 66 -6.85 -6.54 -21.86
N GLU B 67 -7.63 -6.60 -22.95
CA GLU B 67 -7.24 -6.10 -24.30
C GLU B 67 -6.91 -4.61 -24.22
N PHE B 68 -7.78 -3.83 -23.58
CA PHE B 68 -7.64 -2.37 -23.34
C PHE B 68 -6.31 -2.09 -22.63
N CYS B 69 -6.11 -2.72 -21.47
CA CYS B 69 -4.92 -2.56 -20.60
C CYS B 69 -3.65 -3.04 -21.29
N SER B 70 -3.72 -4.00 -22.21
CA SER B 70 -2.55 -4.59 -22.91
C SER B 70 -2.01 -3.63 -23.96
N VAL B 71 -2.88 -2.92 -24.69
CA VAL B 71 -2.51 -1.96 -25.78
C VAL B 71 -2.37 -0.54 -25.23
N PHE B 72 -2.69 -0.31 -23.95
CA PHE B 72 -2.70 1.02 -23.30
C PHE B 72 -1.29 1.63 -23.32
N LYS B 73 -1.16 2.83 -23.88
CA LYS B 73 0.09 3.63 -23.92
C LYS B 73 -0.10 4.82 -22.98
N PRO B 74 0.83 5.13 -22.04
CA PRO B 74 2.08 4.39 -21.85
C PRO B 74 1.86 3.05 -21.15
N ALA B 75 2.80 2.10 -21.30
CA ALA B 75 2.72 0.70 -20.85
C ALA B 75 2.14 0.63 -19.43
N MET B 76 0.98 0.00 -19.28
CA MET B 76 0.30 -0.16 -17.96
C MET B 76 0.97 -1.32 -17.21
N PRO B 77 1.48 -1.10 -15.98
CA PRO B 77 2.05 -2.19 -15.19
C PRO B 77 1.02 -3.29 -14.89
N ARG B 78 1.44 -4.55 -14.90
CA ARG B 78 0.60 -5.76 -14.64
C ARG B 78 -0.18 -5.59 -13.33
N SER B 79 0.43 -4.96 -12.33
CA SER B 79 -0.20 -4.59 -11.02
C SER B 79 -1.49 -3.79 -11.22
N VAL B 80 -1.46 -2.80 -12.12
CA VAL B 80 -2.65 -1.94 -12.39
C VAL B 80 -3.72 -2.80 -13.07
N VAL B 81 -3.30 -3.64 -14.02
CA VAL B 81 -4.22 -4.51 -14.80
C VAL B 81 -4.90 -5.48 -13.83
N GLY B 82 -4.11 -6.16 -13.00
CA GLY B 82 -4.64 -7.04 -11.96
C GLY B 82 -5.66 -6.32 -11.11
N THR B 83 -5.33 -5.11 -10.61
CA THR B 83 -6.21 -4.31 -9.75
C THR B 83 -7.51 -4.03 -10.54
N ALA B 84 -7.39 -3.56 -11.77
CA ALA B 84 -8.58 -3.21 -12.61
C ALA B 84 -9.49 -4.45 -12.79
N CYS B 85 -8.91 -5.59 -13.18
CA CYS B 85 -9.65 -6.86 -13.38
C CYS B 85 -10.34 -7.28 -12.10
N MET B 86 -9.67 -7.14 -10.95
CA MET B 86 -10.27 -7.45 -9.64
C MET B 86 -11.44 -6.50 -9.38
N TYR B 87 -11.26 -5.20 -9.68
CA TYR B 87 -12.36 -4.24 -9.45
C TYR B 87 -13.58 -4.68 -10.27
N PHE B 88 -13.35 -5.09 -11.49
CA PHE B 88 -14.42 -5.51 -12.44
C PHE B 88 -15.20 -6.74 -11.87
N LYS B 89 -14.46 -7.78 -11.46
CA LYS B 89 -15.05 -8.98 -10.82
C LYS B 89 -15.86 -8.59 -9.60
N ARG B 90 -15.30 -7.76 -8.70
CA ARG B 90 -15.94 -7.39 -7.45
C ARG B 90 -17.21 -6.63 -7.77
N PHE B 91 -17.14 -5.75 -8.75
CA PHE B 91 -18.27 -4.84 -9.04
C PHE B 91 -19.50 -5.70 -9.41
N TYR B 92 -19.31 -6.69 -10.25
CA TYR B 92 -20.43 -7.52 -10.84
C TYR B 92 -20.80 -8.73 -9.96
N LEU B 93 -20.22 -8.86 -8.77
CA LEU B 93 -20.77 -9.73 -7.71
C LEU B 93 -22.10 -9.18 -7.20
N ASN B 94 -22.20 -7.85 -7.05
CA ASN B 94 -23.31 -7.15 -6.37
C ASN B 94 -24.05 -6.19 -7.31
N ASN B 95 -23.79 -6.24 -8.61
CA ASN B 95 -24.42 -5.34 -9.60
C ASN B 95 -24.77 -6.09 -10.86
N SER B 96 -25.87 -5.72 -11.51
CA SER B 96 -26.27 -6.30 -12.81
C SER B 96 -25.62 -5.50 -13.92
N VAL B 97 -25.18 -6.19 -14.97
CA VAL B 97 -24.76 -5.62 -16.28
C VAL B 97 -25.97 -4.91 -16.96
N MET B 98 -27.19 -5.16 -16.49
CA MET B 98 -28.43 -4.51 -17.01
C MET B 98 -28.61 -3.11 -16.40
N GLU B 99 -28.05 -2.85 -15.22
CA GLU B 99 -28.12 -1.53 -14.54
C GLU B 99 -26.92 -0.66 -14.91
N TYR B 100 -25.71 -1.23 -14.85
CA TYR B 100 -24.44 -0.50 -15.12
C TYR B 100 -23.75 -1.22 -16.26
N HIS B 101 -23.59 -0.54 -17.39
CA HIS B 101 -23.07 -1.19 -18.60
C HIS B 101 -21.61 -1.58 -18.34
N PRO B 102 -21.20 -2.84 -18.60
CA PRO B 102 -19.84 -3.29 -18.32
C PRO B 102 -18.78 -2.63 -19.22
N ARG B 103 -19.16 -2.14 -20.40
CA ARG B 103 -18.28 -1.35 -21.31
C ARG B 103 -17.81 -0.09 -20.60
N ILE B 104 -18.68 0.58 -19.84
CA ILE B 104 -18.33 1.82 -19.08
C ILE B 104 -17.60 1.42 -17.81
N ILE B 105 -18.17 0.49 -17.06
CA ILE B 105 -17.59 0.05 -15.76
C ILE B 105 -16.17 -0.47 -15.96
N MET B 106 -15.88 -1.21 -17.03
CA MET B 106 -14.53 -1.80 -17.25
C MET B 106 -13.50 -0.67 -17.44
N LEU B 107 -13.83 0.38 -18.21
CA LEU B 107 -12.95 1.56 -18.39
C LEU B 107 -12.79 2.31 -17.07
N THR B 108 -13.84 2.44 -16.26
CA THR B 108 -13.83 3.11 -14.95
C THR B 108 -12.96 2.30 -13.97
N CYS B 109 -13.00 0.97 -14.08
CA CYS B 109 -12.09 0.04 -13.33
C CYS B 109 -10.63 0.39 -13.67
N ALA B 110 -10.29 0.47 -14.95
CA ALA B 110 -8.92 0.77 -15.43
C ALA B 110 -8.49 2.17 -14.93
N PHE B 111 -9.39 3.16 -15.06
CA PHE B 111 -9.18 4.57 -14.63
C PHE B 111 -8.85 4.65 -13.15
N LEU B 112 -9.66 4.03 -12.29
CA LEU B 112 -9.47 4.04 -10.82
C LEU B 112 -8.19 3.28 -10.45
N ALA B 113 -7.96 2.14 -11.10
CA ALA B 113 -6.79 1.28 -10.82
C ALA B 113 -5.50 2.09 -11.06
N CYS B 114 -5.47 2.88 -12.12
CA CYS B 114 -4.29 3.71 -12.50
C CYS B 114 -3.95 4.67 -11.35
N LYS B 115 -4.96 5.29 -10.74
CA LYS B 115 -4.81 6.24 -9.60
C LYS B 115 -4.39 5.50 -8.33
N VAL B 116 -5.08 4.40 -8.01
CA VAL B 116 -4.80 3.62 -6.78
C VAL B 116 -3.38 3.06 -6.83
N ASP B 117 -2.93 2.56 -7.97
CA ASP B 117 -1.61 1.91 -8.10
C ASP B 117 -0.53 2.94 -8.48
N GLU B 118 -0.84 4.25 -8.38
CA GLU B 118 0.14 5.36 -8.52
C GLU B 118 0.77 5.30 -9.92
N PHE B 119 -0.01 4.91 -10.93
CA PHE B 119 0.40 4.92 -12.35
C PHE B 119 -0.14 6.23 -12.94
N ASN B 120 0.66 7.28 -12.87
CA ASN B 120 0.24 8.67 -13.16
C ASN B 120 0.03 8.81 -14.67
N VAL B 121 -1.23 8.90 -15.07
CA VAL B 121 -1.66 9.29 -16.45
C VAL B 121 -2.72 10.37 -16.29
N SER B 122 -2.69 11.38 -17.16
CA SER B 122 -3.76 12.41 -17.31
C SER B 122 -5.00 11.76 -17.93
N SER B 123 -6.17 12.30 -17.62
CA SER B 123 -7.48 11.90 -18.22
C SER B 123 -7.38 11.86 -19.75
N PRO B 124 -6.92 12.93 -20.46
CA PRO B 124 -6.86 12.89 -21.92
C PRO B 124 -6.00 11.76 -22.51
N GLN B 125 -4.85 11.44 -21.90
CA GLN B 125 -3.97 10.35 -22.40
C GLN B 125 -4.62 8.99 -22.06
N PHE B 126 -5.39 8.90 -20.98
CA PHE B 126 -6.21 7.69 -20.65
C PHE B 126 -7.21 7.44 -21.78
N VAL B 127 -8.13 8.38 -22.01
CA VAL B 127 -9.23 8.25 -23.02
C VAL B 127 -8.66 8.36 -24.44
N GLY B 128 -7.43 8.86 -24.60
CA GLY B 128 -6.65 8.77 -25.86
C GLY B 128 -6.44 7.34 -26.33
N ASN B 129 -6.43 6.37 -25.42
CA ASN B 129 -6.21 4.92 -25.72
C ASN B 129 -7.46 4.27 -26.35
N LEU B 130 -8.64 4.88 -26.25
CA LEU B 130 -9.90 4.38 -26.85
C LEU B 130 -9.87 4.59 -28.37
N ARG B 131 -10.34 3.60 -29.16
CA ARG B 131 -10.45 3.65 -30.64
C ARG B 131 -11.79 4.28 -31.02
N GLU B 132 -11.99 5.55 -30.65
CA GLU B 132 -13.22 6.33 -30.89
C GLU B 132 -12.85 7.74 -31.37
N SER B 133 -13.82 8.47 -31.93
CA SER B 133 -13.70 9.88 -32.37
C SER B 133 -13.41 10.77 -31.15
N PRO B 134 -12.80 11.96 -31.31
CA PRO B 134 -12.53 12.87 -30.20
C PRO B 134 -13.77 13.17 -29.33
N LEU B 135 -14.94 13.33 -29.97
CA LEU B 135 -16.27 13.52 -29.30
C LEU B 135 -16.60 12.26 -28.49
N GLY B 136 -16.41 11.08 -29.07
CA GLY B 136 -16.61 9.76 -28.43
C GLY B 136 -15.73 9.60 -27.20
N GLN B 137 -14.45 9.94 -27.31
CA GLN B 137 -13.45 9.89 -26.20
C GLN B 137 -13.86 10.86 -25.09
N GLU B 138 -14.41 12.03 -25.44
CA GLU B 138 -14.84 13.04 -24.44
C GLU B 138 -16.12 12.56 -23.75
N LYS B 139 -17.02 11.91 -24.50
CA LYS B 139 -18.24 11.25 -23.96
C LYS B 139 -17.81 10.11 -23.02
N ALA B 140 -16.90 9.24 -23.48
CA ALA B 140 -16.34 8.14 -22.68
C ALA B 140 -15.80 8.72 -21.36
N LEU B 141 -14.98 9.78 -21.43
CA LEU B 141 -14.37 10.41 -20.22
C LEU B 141 -15.48 10.87 -19.27
N GLU B 142 -16.53 11.52 -19.77
CA GLU B 142 -17.63 12.06 -18.92
C GLU B 142 -18.32 10.89 -18.20
N GLN B 143 -18.57 9.79 -18.90
CA GLN B 143 -19.21 8.56 -18.33
C GLN B 143 -18.31 7.94 -17.25
N ILE B 144 -17.01 7.83 -17.50
CA ILE B 144 -16.01 7.31 -16.50
C ILE B 144 -16.05 8.19 -15.25
N LEU B 145 -16.02 9.52 -15.42
CA LEU B 145 -16.06 10.46 -14.26
C LEU B 145 -17.38 10.32 -13.50
N GLU B 146 -18.50 10.05 -14.21
CA GLU B 146 -19.85 9.84 -13.62
C GLU B 146 -19.84 8.58 -12.73
N TYR B 147 -19.15 7.52 -13.14
CA TYR B 147 -19.20 6.19 -12.48
C TYR B 147 -18.02 5.97 -11.52
N GLU B 148 -16.97 6.80 -11.55
CA GLU B 148 -15.77 6.58 -10.70
C GLU B 148 -16.19 6.49 -9.22
N LEU B 149 -16.99 7.41 -8.73
CA LEU B 149 -17.49 7.34 -7.34
C LEU B 149 -18.40 6.12 -7.14
N LEU B 150 -19.24 5.78 -8.12
CA LEU B 150 -20.10 4.57 -8.05
C LEU B 150 -19.21 3.33 -7.85
N LEU B 151 -18.19 3.21 -8.67
CA LEU B 151 -17.29 2.03 -8.61
C LEU B 151 -16.71 1.97 -7.20
N ILE B 152 -16.24 3.10 -6.66
CA ILE B 152 -15.53 3.12 -5.36
C ILE B 152 -16.53 2.69 -4.30
N GLN B 153 -17.77 3.20 -4.37
CA GLN B 153 -18.87 2.82 -3.45
C GLN B 153 -19.12 1.30 -3.49
N GLN B 154 -19.22 0.71 -4.68
CA GLN B 154 -19.54 -0.73 -4.87
C GLN B 154 -18.34 -1.61 -4.46
N LEU B 155 -17.11 -1.06 -4.52
CA LEU B 155 -15.90 -1.74 -3.93
C LEU B 155 -15.84 -1.54 -2.42
N ASN B 156 -16.78 -0.82 -1.82
CA ASN B 156 -16.85 -0.49 -0.38
C ASN B 156 -15.55 0.22 0.02
N PHE B 157 -14.96 0.99 -0.91
CA PHE B 157 -13.75 1.80 -0.66
C PHE B 157 -12.61 0.88 -0.21
N HIS B 158 -12.56 -0.34 -0.77
CA HIS B 158 -11.42 -1.30 -0.65
C HIS B 158 -10.67 -1.25 -1.95
N LEU B 159 -9.61 -0.47 -2.00
CA LEU B 159 -8.94 -0.17 -3.27
C LEU B 159 -7.66 -0.95 -3.43
N ILE B 160 -6.95 -1.30 -2.35
CA ILE B 160 -5.68 -2.05 -2.53
C ILE B 160 -6.03 -3.49 -2.92
N VAL B 161 -5.51 -3.93 -4.02
CA VAL B 161 -5.68 -5.34 -4.47
C VAL B 161 -4.31 -6.01 -4.37
N HIS B 162 -4.30 -7.18 -3.69
CA HIS B 162 -3.14 -8.09 -3.68
C HIS B 162 -3.23 -9.05 -4.85
N ASN B 163 -2.28 -8.90 -5.77
CA ASN B 163 -2.19 -9.67 -7.00
C ASN B 163 -1.28 -10.85 -6.65
N PRO B 164 -1.34 -11.93 -7.43
CA PRO B 164 -0.41 -13.05 -7.24
C PRO B 164 1.01 -12.80 -7.75
N TYR B 165 1.30 -11.68 -8.44
CA TYR B 165 2.58 -11.48 -9.16
C TYR B 165 3.75 -11.31 -8.19
N ARG B 166 3.63 -10.51 -7.13
CA ARG B 166 4.76 -10.35 -6.19
C ARG B 166 4.96 -11.69 -5.49
N PRO B 167 3.90 -12.35 -4.94
CA PRO B 167 4.06 -13.68 -4.33
C PRO B 167 4.80 -14.63 -5.26
N PHE B 168 4.42 -14.62 -6.52
CA PHE B 168 5.06 -15.42 -7.58
C PHE B 168 6.57 -15.15 -7.60
N GLU B 169 6.97 -13.88 -7.46
CA GLU B 169 8.41 -13.49 -7.45
C GLU B 169 9.09 -14.04 -6.19
N GLY B 170 8.43 -13.92 -5.03
CA GLY B 170 8.90 -14.39 -3.71
C GLY B 170 9.14 -15.89 -3.69
N PHE B 171 8.24 -16.69 -4.28
CA PHE B 171 8.43 -18.17 -4.40
C PHE B 171 9.63 -18.49 -5.29
N LEU B 172 9.81 -17.76 -6.38
CA LEU B 172 10.94 -18.02 -7.31
C LEU B 172 12.27 -17.74 -6.62
N ILE B 173 12.33 -16.69 -5.81
CA ILE B 173 13.54 -16.36 -4.98
C ILE B 173 13.77 -17.51 -4.01
N ASP B 174 12.72 -17.97 -3.34
CA ASP B 174 12.75 -19.03 -2.31
C ASP B 174 13.19 -20.36 -2.93
N LEU B 175 12.65 -20.72 -4.10
CA LEU B 175 12.99 -21.98 -4.79
C LEU B 175 14.47 -21.96 -5.23
N LYS B 176 14.91 -20.85 -5.82
CA LYS B 176 16.31 -20.60 -6.25
C LYS B 176 17.27 -20.68 -5.06
N THR B 177 16.83 -20.29 -3.86
CA THR B 177 17.67 -20.25 -2.63
C THR B 177 17.66 -21.60 -1.90
N ARG B 178 16.49 -22.19 -1.66
CA ARG B 178 16.31 -23.29 -0.67
C ARG B 178 15.93 -24.64 -1.30
N TYR B 179 15.80 -24.73 -2.62
CA TYR B 179 15.29 -25.94 -3.31
C TYR B 179 16.16 -26.25 -4.52
N PRO B 180 17.45 -26.61 -4.30
CA PRO B 180 18.37 -26.90 -5.40
C PRO B 180 18.00 -28.13 -6.23
N ILE B 181 17.14 -29.02 -5.70
CA ILE B 181 16.56 -30.19 -6.45
C ILE B 181 15.94 -29.67 -7.76
N LEU B 182 15.18 -28.56 -7.67
CA LEU B 182 14.77 -27.75 -8.85
C LEU B 182 15.95 -26.84 -9.21
N GLU B 183 16.75 -27.24 -10.21
CA GLU B 183 18.08 -26.64 -10.50
C GLU B 183 17.90 -25.19 -10.96
N ASN B 184 17.09 -24.98 -12.00
CA ASN B 184 16.73 -23.64 -12.53
C ASN B 184 15.21 -23.43 -12.40
N PRO B 185 14.73 -22.79 -11.32
CA PRO B 185 13.30 -22.48 -11.19
C PRO B 185 12.70 -21.52 -12.23
N GLU B 186 13.54 -20.82 -13.00
CA GLU B 186 13.08 -19.83 -14.03
C GLU B 186 12.47 -20.55 -15.24
N ILE B 187 12.77 -21.83 -15.48
CA ILE B 187 12.15 -22.64 -16.58
C ILE B 187 10.65 -22.85 -16.30
N LEU B 188 10.19 -22.63 -15.05
CA LEU B 188 8.76 -22.71 -14.67
C LEU B 188 8.01 -21.42 -15.03
N ARG B 189 8.70 -20.30 -15.26
CA ARG B 189 8.08 -18.94 -15.29
C ARG B 189 6.99 -18.84 -16.36
N LYS B 190 7.30 -19.19 -17.61
CA LYS B 190 6.42 -18.98 -18.79
C LYS B 190 5.09 -19.74 -18.57
N THR B 191 5.18 -21.04 -18.29
CA THR B 191 4.03 -21.96 -18.07
C THR B 191 3.29 -21.57 -16.79
N ALA B 192 4.01 -21.19 -15.74
CA ALA B 192 3.40 -20.74 -14.47
C ALA B 192 2.66 -19.42 -14.71
N ASP B 193 3.20 -18.55 -15.57
CA ASP B 193 2.55 -17.26 -15.94
C ASP B 193 1.29 -17.58 -16.76
N ASP B 194 1.41 -18.52 -17.70
CA ASP B 194 0.30 -18.95 -18.58
C ASP B 194 -0.84 -19.47 -17.70
N PHE B 195 -0.52 -20.24 -16.65
CA PHE B 195 -1.52 -20.81 -15.74
C PHE B 195 -2.12 -19.70 -14.86
N LEU B 196 -1.31 -18.74 -14.41
CA LEU B 196 -1.79 -17.56 -13.66
C LEU B 196 -2.87 -16.81 -14.47
N ASN B 197 -2.61 -16.54 -15.74
CA ASN B 197 -3.56 -15.87 -16.68
C ASN B 197 -4.89 -16.64 -16.73
N ARG B 198 -4.82 -17.97 -16.95
CA ARG B 198 -6.00 -18.87 -17.00
C ARG B 198 -6.75 -18.83 -15.67
N ILE B 199 -6.01 -18.92 -14.55
CA ILE B 199 -6.61 -18.87 -13.18
C ILE B 199 -7.40 -17.57 -13.08
N ALA B 200 -6.85 -16.46 -13.60
CA ALA B 200 -7.41 -15.09 -13.44
C ALA B 200 -8.79 -15.01 -14.11
N LEU B 201 -9.05 -15.82 -15.14
CA LEU B 201 -10.35 -15.81 -15.89
C LEU B 201 -11.47 -16.41 -15.02
N THR B 202 -11.12 -17.23 -14.04
CA THR B 202 -12.05 -17.94 -13.13
C THR B 202 -12.43 -17.02 -11.99
N ASP B 203 -13.15 -17.52 -10.99
CA ASP B 203 -13.48 -16.82 -9.73
C ASP B 203 -12.35 -17.01 -8.69
N ALA B 204 -11.24 -17.64 -9.09
CA ALA B 204 -10.15 -17.99 -8.15
C ALA B 204 -9.78 -16.74 -7.33
N TYR B 205 -9.70 -15.58 -7.98
CA TYR B 205 -9.21 -14.33 -7.32
C TYR B 205 -10.13 -13.95 -6.18
N LEU B 206 -11.36 -14.44 -6.20
CA LEU B 206 -12.34 -14.18 -5.13
C LEU B 206 -12.36 -15.33 -4.12
N LEU B 207 -11.71 -16.45 -4.39
CA LEU B 207 -11.87 -17.69 -3.55
C LEU B 207 -10.56 -18.10 -2.86
N TYR B 208 -9.40 -17.74 -3.42
CA TYR B 208 -8.07 -18.13 -2.85
C TYR B 208 -7.19 -16.91 -2.59
N THR B 209 -6.14 -17.16 -1.81
CA THR B 209 -5.12 -16.11 -1.50
C THR B 209 -4.20 -15.94 -2.69
N PRO B 210 -3.60 -14.75 -2.88
CA PRO B 210 -2.61 -14.52 -3.92
C PRO B 210 -1.45 -15.50 -3.81
N SER B 211 -1.02 -15.82 -2.58
CA SER B 211 0.09 -16.78 -2.34
C SER B 211 -0.33 -18.17 -2.89
N GLN B 212 -1.54 -18.62 -2.53
CA GLN B 212 -2.11 -19.92 -2.98
C GLN B 212 -2.17 -19.93 -4.49
N ILE B 213 -2.67 -18.84 -5.10
CA ILE B 213 -2.75 -18.73 -6.56
C ILE B 213 -1.35 -18.84 -7.14
N ALA B 214 -0.38 -18.13 -6.57
CA ALA B 214 0.99 -18.08 -7.13
C ALA B 214 1.60 -19.51 -7.07
N LEU B 215 1.45 -20.17 -5.94
CA LEU B 215 2.06 -21.52 -5.69
C LEU B 215 1.41 -22.57 -6.58
N THR B 216 0.08 -22.48 -6.74
CA THR B 216 -0.69 -23.36 -7.67
C THR B 216 -0.13 -23.22 -9.05
N ALA B 217 0.09 -21.99 -9.55
CA ALA B 217 0.67 -21.72 -10.87
C ALA B 217 2.04 -22.41 -10.98
N ILE B 218 2.88 -22.23 -9.97
CA ILE B 218 4.28 -22.76 -9.97
C ILE B 218 4.22 -24.30 -9.98
N LEU B 219 3.43 -24.90 -9.09
CA LEU B 219 3.37 -26.40 -8.94
C LEU B 219 2.68 -27.02 -10.15
N SER B 220 1.68 -26.35 -10.74
CA SER B 220 1.05 -26.76 -12.02
C SER B 220 2.11 -26.79 -13.12
N SER B 221 2.92 -25.73 -13.24
CA SER B 221 4.01 -25.57 -14.23
C SER B 221 5.07 -26.66 -13.98
N ALA B 222 5.31 -27.02 -12.71
CA ALA B 222 6.26 -28.07 -12.31
C ALA B 222 5.73 -29.46 -12.74
N SER B 223 4.44 -29.72 -12.49
CA SER B 223 3.74 -30.99 -12.84
C SER B 223 3.72 -31.21 -14.35
N ARG B 224 3.55 -30.14 -15.14
CA ARG B 224 3.58 -30.17 -16.63
C ARG B 224 5.01 -30.47 -17.10
N ALA B 225 6.02 -29.94 -16.41
CA ALA B 225 7.46 -30.15 -16.69
C ALA B 225 7.88 -31.58 -16.32
N GLY B 226 7.10 -32.26 -15.45
CA GLY B 226 7.35 -33.62 -14.97
C GLY B 226 8.03 -33.63 -13.61
N ILE B 227 8.31 -32.44 -13.05
CA ILE B 227 9.08 -32.26 -11.78
C ILE B 227 8.12 -32.43 -10.61
N THR B 228 8.31 -33.50 -9.82
CA THR B 228 7.52 -33.83 -8.61
C THR B 228 8.20 -33.14 -7.42
N MET B 229 7.74 -31.92 -7.09
CA MET B 229 8.38 -31.04 -6.07
C MET B 229 7.45 -30.88 -4.87
N GLU B 230 6.95 -32.00 -4.35
CA GLU B 230 6.13 -32.07 -3.10
C GLU B 230 7.05 -31.91 -1.88
N SER B 231 8.35 -32.20 -2.02
CA SER B 231 9.40 -32.01 -0.97
C SER B 231 9.52 -30.52 -0.62
N TYR B 232 9.30 -29.61 -1.57
CA TYR B 232 9.31 -28.14 -1.31
C TYR B 232 8.24 -27.83 -0.25
N LEU B 233 7.02 -28.36 -0.41
CA LEU B 233 5.90 -28.15 0.55
C LEU B 233 6.26 -28.77 1.91
N SER B 234 6.72 -30.03 1.91
CA SER B 234 6.97 -30.83 3.14
C SER B 234 8.29 -30.37 3.80
N GLU B 235 9.40 -30.31 3.05
CA GLU B 235 10.76 -30.05 3.61
C GLU B 235 10.94 -28.52 3.79
N SER B 236 10.83 -27.72 2.73
CA SER B 236 11.20 -26.28 2.71
C SER B 236 10.13 -25.45 3.43
N LEU B 237 8.85 -25.66 3.11
CA LEU B 237 7.71 -24.93 3.72
C LEU B 237 7.33 -25.54 5.08
N MET B 238 7.93 -26.67 5.48
CA MET B 238 7.86 -27.29 6.84
C MET B 238 6.45 -27.82 7.11
N LEU B 239 5.75 -28.34 6.09
CA LEU B 239 4.37 -28.88 6.20
C LEU B 239 4.39 -30.38 6.54
N LYS B 240 5.57 -31.00 6.61
CA LYS B 240 5.76 -32.40 7.11
C LYS B 240 5.47 -32.43 8.62
N GLU B 241 5.73 -31.32 9.32
CA GLU B 241 5.39 -31.12 10.75
C GLU B 241 3.87 -31.10 10.91
N ASN B 242 3.17 -30.27 10.12
CA ASN B 242 1.70 -30.02 10.20
C ASN B 242 1.03 -30.67 8.98
N ARG B 243 0.75 -31.97 9.05
CA ARG B 243 0.26 -32.80 7.91
C ARG B 243 -1.14 -32.37 7.46
N THR B 244 -1.96 -31.85 8.38
CA THR B 244 -3.33 -31.35 8.09
C THR B 244 -3.22 -30.07 7.25
N CYS B 245 -2.34 -29.14 7.66
CA CYS B 245 -2.00 -27.89 6.91
C CYS B 245 -1.54 -28.25 5.49
N LEU B 246 -0.74 -29.31 5.34
CA LEU B 246 -0.28 -29.83 4.01
C LEU B 246 -1.49 -30.33 3.20
N SER B 247 -2.31 -31.21 3.76
CA SER B 247 -3.54 -31.76 3.12
C SER B 247 -4.45 -30.60 2.68
N GLN B 248 -4.69 -29.63 3.57
CA GLN B 248 -5.53 -28.42 3.32
C GLN B 248 -4.97 -27.66 2.10
N LEU B 249 -3.65 -27.53 2.03
CA LEU B 249 -2.96 -26.75 0.97
C LEU B 249 -3.09 -27.50 -0.34
N LEU B 250 -2.84 -28.82 -0.34
CA LEU B 250 -2.94 -29.64 -1.56
C LEU B 250 -4.38 -29.63 -2.11
N ASP B 251 -5.39 -29.56 -1.24
CA ASP B 251 -6.84 -29.54 -1.61
C ASP B 251 -7.20 -28.19 -2.24
N ILE B 252 -6.75 -27.07 -1.66
CA ILE B 252 -6.89 -25.70 -2.26
C ILE B 252 -6.34 -25.74 -3.70
N MET B 253 -5.14 -26.28 -3.90
CA MET B 253 -4.47 -26.26 -5.21
C MET B 253 -5.22 -27.19 -6.18
N LYS B 254 -5.74 -28.30 -5.68
CA LYS B 254 -6.54 -29.24 -6.50
C LYS B 254 -7.84 -28.53 -6.92
N SER B 255 -8.50 -27.89 -5.96
CA SER B 255 -9.77 -27.16 -6.16
C SER B 255 -9.52 -26.08 -7.21
N MET B 256 -8.38 -25.38 -7.13
CA MET B 256 -8.06 -24.28 -8.05
C MET B 256 -7.74 -24.84 -9.44
N ARG B 257 -7.05 -25.97 -9.52
CA ARG B 257 -6.78 -26.66 -10.82
C ARG B 257 -8.12 -27.07 -11.46
N ASN B 258 -9.10 -27.47 -10.66
CA ASN B 258 -10.46 -27.90 -11.10
C ASN B 258 -11.28 -26.72 -11.65
N LEU B 259 -11.24 -25.54 -11.02
CA LEU B 259 -11.88 -24.29 -11.56
C LEU B 259 -11.40 -24.00 -12.97
N VAL B 260 -10.10 -24.13 -13.23
CA VAL B 260 -9.48 -23.79 -14.55
C VAL B 260 -9.90 -24.84 -15.57
N LYS B 261 -10.01 -26.11 -15.17
CA LYS B 261 -10.34 -27.22 -16.13
C LYS B 261 -11.80 -27.03 -16.59
N LYS B 262 -12.71 -26.66 -15.69
CA LYS B 262 -14.17 -26.53 -15.97
C LYS B 262 -14.55 -25.13 -16.46
N TYR B 263 -13.58 -24.22 -16.69
CA TYR B 263 -13.82 -22.86 -17.21
C TYR B 263 -14.20 -22.96 -18.69
N GLU B 264 -15.40 -22.50 -19.04
CA GLU B 264 -15.88 -22.39 -20.45
C GLU B 264 -15.73 -20.92 -20.86
N PRO B 265 -14.95 -20.59 -21.91
CA PRO B 265 -14.91 -19.23 -22.42
C PRO B 265 -16.23 -18.86 -23.09
N PRO B 266 -16.64 -17.56 -23.10
CA PRO B 266 -17.81 -17.13 -23.87
C PRO B 266 -17.68 -17.45 -25.37
N ARG B 267 -18.74 -18.01 -25.98
CA ARG B 267 -18.84 -18.30 -27.44
C ARG B 267 -19.28 -17.02 -28.16
N SER B 268 -18.74 -16.78 -29.36
CA SER B 268 -18.98 -15.59 -30.22
C SER B 268 -20.49 -15.43 -30.47
N GLU B 269 -21.14 -16.45 -31.01
CA GLU B 269 -22.58 -16.45 -31.40
C GLU B 269 -23.46 -16.20 -30.17
N GLU B 270 -23.09 -16.78 -29.01
CA GLU B 270 -23.81 -16.59 -27.72
C GLU B 270 -23.68 -15.14 -27.27
N VAL B 271 -22.45 -14.60 -27.28
CA VAL B 271 -22.12 -13.21 -26.82
C VAL B 271 -22.90 -12.20 -27.67
N ALA B 272 -22.89 -12.36 -28.99
CA ALA B 272 -23.62 -11.50 -29.96
C ALA B 272 -25.09 -11.35 -29.53
N VAL B 273 -25.77 -12.47 -29.28
CA VAL B 273 -27.20 -12.53 -28.86
C VAL B 273 -27.38 -11.81 -27.52
N LEU B 274 -26.50 -12.07 -26.54
CA LEU B 274 -26.60 -11.48 -25.18
C LEU B 274 -26.22 -9.98 -25.23
N LYS B 275 -25.32 -9.58 -26.14
CA LYS B 275 -24.93 -8.17 -26.35
C LYS B 275 -26.16 -7.39 -26.85
N GLN B 276 -26.81 -7.89 -27.90
CA GLN B 276 -28.05 -7.28 -28.46
C GLN B 276 -29.08 -7.18 -27.33
N LYS B 277 -29.24 -8.26 -26.55
CA LYS B 277 -30.15 -8.34 -25.38
C LYS B 277 -29.75 -7.29 -24.33
N LEU B 278 -28.44 -7.11 -24.10
CA LEU B 278 -27.88 -6.12 -23.13
C LEU B 278 -28.19 -4.69 -23.60
N GLU B 279 -27.91 -4.40 -24.87
CA GLU B 279 -28.21 -3.08 -25.52
C GLU B 279 -29.70 -2.76 -25.37
N ARG B 280 -30.58 -3.72 -25.66
CA ARG B 280 -32.07 -3.59 -25.54
C ARG B 280 -32.43 -3.22 -24.10
N CYS B 281 -31.78 -3.80 -23.09
CA CYS B 281 -32.04 -3.53 -21.64
C CYS B 281 -31.69 -2.08 -21.30
N HIS B 282 -30.64 -1.52 -21.90
CA HIS B 282 -30.11 -0.16 -21.60
C HIS B 282 -30.85 0.92 -22.41
N SER B 283 -31.46 0.56 -23.55
CA SER B 283 -32.29 1.46 -24.39
C SER B 283 -33.46 1.99 -23.56
N ALA B 284 -34.19 1.10 -22.87
CA ALA B 284 -35.40 1.40 -22.08
C ALA B 284 -35.04 1.76 -20.63
N GLU B 285 -34.21 0.93 -19.98
CA GLU B 285 -33.85 1.01 -18.54
C GLU B 285 -35.13 0.93 -17.68
N LYS C 13 -24.44 12.82 5.25
CA LYS C 13 -25.16 11.50 5.18
C LYS C 13 -25.78 11.18 6.55
N ARG C 14 -24.95 10.96 7.56
CA ARG C 14 -25.35 10.66 8.97
C ARG C 14 -24.50 11.51 9.94
N TYR C 15 -24.09 12.71 9.50
CA TYR C 15 -23.08 13.57 10.18
C TYR C 15 -23.65 14.99 10.34
N GLU C 16 -23.64 15.49 11.57
CA GLU C 16 -24.36 16.72 12.03
C GLU C 16 -23.72 17.98 11.43
N LYS C 17 -22.39 17.97 11.19
CA LYS C 17 -21.59 19.12 10.69
C LYS C 17 -21.61 20.23 11.76
N LEU C 18 -20.71 20.13 12.75
CA LEU C 18 -20.68 21.00 13.95
C LEU C 18 -19.85 22.26 13.68
N ASP C 19 -18.53 22.12 13.52
CA ASP C 19 -17.55 23.24 13.56
C ASP C 19 -16.53 23.11 12.43
N PHE C 20 -16.03 24.24 11.95
CA PHE C 20 -14.94 24.35 10.94
C PHE C 20 -13.59 24.20 11.65
N LEU C 21 -12.68 23.37 11.11
CA LEU C 21 -11.36 23.07 11.71
C LEU C 21 -10.22 23.67 10.87
N GLY C 22 -10.32 23.66 9.55
CA GLY C 22 -9.29 24.27 8.67
C GLY C 22 -9.51 23.98 7.20
N GLU C 23 -8.70 24.63 6.35
CA GLU C 23 -8.71 24.50 4.87
C GLU C 23 -7.29 24.14 4.39
N GLY C 24 -7.20 23.45 3.25
CA GLY C 24 -5.94 23.06 2.59
C GLY C 24 -5.99 23.29 1.09
N GLN C 25 -4.98 22.79 0.36
CA GLN C 25 -4.86 22.90 -1.12
C GLN C 25 -5.94 22.03 -1.78
N PHE C 26 -6.08 20.78 -1.31
CA PHE C 26 -6.88 19.71 -1.95
C PHE C 26 -8.21 19.49 -1.21
N ALA C 27 -8.32 19.86 0.08
CA ALA C 27 -9.49 19.57 0.92
C ALA C 27 -9.67 20.58 2.06
N THR C 28 -10.87 20.57 2.66
CA THR C 28 -11.32 21.38 3.82
C THR C 28 -11.82 20.43 4.91
N VAL C 29 -11.52 20.73 6.18
CA VAL C 29 -11.77 19.80 7.32
C VAL C 29 -12.80 20.41 8.27
N TYR C 30 -13.79 19.62 8.67
CA TYR C 30 -14.88 20.00 9.61
C TYR C 30 -15.01 18.93 10.69
N LYS C 31 -15.33 19.38 11.91
CA LYS C 31 -15.78 18.54 13.05
C LYS C 31 -17.25 18.18 12.85
N ALA C 32 -17.63 16.92 13.09
CA ALA C 32 -18.99 16.39 12.90
C ALA C 32 -19.33 15.38 14.00
N ARG C 33 -20.63 15.24 14.32
CA ARG C 33 -21.17 14.24 15.28
C ARG C 33 -21.40 12.92 14.53
N ILE C 40 -17.91 11.70 17.93
CA ILE C 40 -17.33 12.92 17.28
C ILE C 40 -16.24 12.48 16.30
N VAL C 41 -16.28 13.01 15.08
CA VAL C 41 -15.37 12.66 13.95
C VAL C 41 -14.89 13.94 13.27
N ALA C 42 -13.83 13.82 12.48
CA ALA C 42 -13.30 14.87 11.58
C ALA C 42 -13.57 14.41 10.16
N ILE C 43 -14.23 15.26 9.38
CA ILE C 43 -14.55 14.99 7.95
C ILE C 43 -13.68 15.92 7.11
N LYS C 44 -12.98 15.35 6.13
CA LYS C 44 -12.11 16.08 5.18
C LYS C 44 -12.77 15.98 3.80
N LYS C 45 -13.41 17.06 3.34
CA LYS C 45 -14.21 17.09 2.07
C LYS C 45 -13.25 17.26 0.89
N LYS C 55 -11.54 17.57 -15.02
CA LYS C 55 -11.64 16.31 -15.82
C LYS C 55 -10.68 15.22 -15.28
N ASP C 56 -9.95 15.46 -14.18
CA ASP C 56 -9.00 14.48 -13.59
C ASP C 56 -9.77 13.42 -12.78
N GLY C 57 -10.99 13.75 -12.34
CA GLY C 57 -11.84 12.89 -11.50
C GLY C 57 -11.52 13.07 -10.04
N ILE C 58 -11.80 12.05 -9.21
CA ILE C 58 -11.62 12.14 -7.74
C ILE C 58 -10.14 12.41 -7.45
N ASN C 59 -9.92 13.28 -6.46
CA ASN C 59 -8.60 13.82 -6.04
C ASN C 59 -7.67 12.64 -5.66
N ARG C 60 -6.49 12.56 -6.26
CA ARG C 60 -5.50 11.45 -6.07
C ARG C 60 -4.98 11.43 -4.63
N THR C 61 -4.93 12.58 -3.97
CA THR C 61 -4.53 12.72 -2.54
C THR C 61 -5.60 12.10 -1.64
N ALA C 62 -6.88 12.28 -1.97
CA ALA C 62 -8.00 11.64 -1.24
C ALA C 62 -7.96 10.12 -1.43
N LEU C 63 -7.71 9.64 -2.66
CA LEU C 63 -7.67 8.18 -2.97
C LEU C 63 -6.48 7.55 -2.26
N ARG C 64 -5.35 8.25 -2.24
CA ARG C 64 -4.13 7.81 -1.52
C ARG C 64 -4.46 7.59 -0.05
N GLU C 65 -5.15 8.52 0.58
CA GLU C 65 -5.53 8.42 2.00
C GLU C 65 -6.51 7.26 2.20
N ILE C 66 -7.48 7.08 1.29
CA ILE C 66 -8.52 6.01 1.43
C ILE C 66 -7.81 4.66 1.32
N LYS C 67 -7.01 4.50 0.29
CA LYS C 67 -6.48 3.18 -0.14
C LYS C 67 -5.49 2.69 0.92
N LEU C 68 -4.70 3.58 1.51
CA LEU C 68 -3.68 3.17 2.50
C LEU C 68 -4.35 2.98 3.86
N LEU C 69 -5.20 3.89 4.33
CA LEU C 69 -5.71 3.77 5.71
C LEU C 69 -6.74 2.64 5.83
N GLN C 70 -7.34 2.17 4.72
CA GLN C 70 -8.25 0.99 4.74
C GLN C 70 -7.45 -0.29 5.04
N GLU C 71 -6.17 -0.33 4.66
CA GLU C 71 -5.28 -1.51 4.80
C GLU C 71 -4.47 -1.48 6.11
N LEU C 72 -4.58 -0.41 6.90
CA LEU C 72 -3.77 -0.19 8.12
C LEU C 72 -4.69 -0.08 9.32
N SER C 73 -4.32 -0.74 10.39
CA SER C 73 -5.05 -0.72 11.68
C SER C 73 -4.04 -0.78 12.82
N HIS C 74 -3.74 0.36 13.43
CA HIS C 74 -2.74 0.46 14.51
C HIS C 74 -3.12 1.65 15.39
N PRO C 75 -2.96 1.57 16.73
CA PRO C 75 -3.33 2.68 17.60
C PRO C 75 -2.67 4.04 17.33
N ASN C 76 -1.50 4.06 16.68
CA ASN C 76 -0.68 5.29 16.43
C ASN C 76 -0.72 5.64 14.95
N ILE C 77 -1.77 5.20 14.24
CA ILE C 77 -2.04 5.59 12.84
C ILE C 77 -3.50 6.06 12.85
N ILE C 78 -3.77 7.20 12.21
CA ILE C 78 -5.14 7.79 12.16
C ILE C 78 -6.06 6.76 11.50
N GLY C 79 -7.22 6.53 12.10
CA GLY C 79 -8.22 5.59 11.58
C GLY C 79 -9.13 6.29 10.59
N LEU C 80 -9.25 5.75 9.37
CA LEU C 80 -10.31 6.10 8.40
C LEU C 80 -11.59 5.33 8.78
N LEU C 81 -12.57 6.00 9.37
CA LEU C 81 -13.82 5.39 9.92
C LEU C 81 -14.82 5.11 8.80
N ASP C 82 -14.86 5.97 7.78
CA ASP C 82 -15.86 5.93 6.68
C ASP C 82 -15.42 6.86 5.55
N ALA C 83 -15.84 6.57 4.32
CA ALA C 83 -15.66 7.41 3.12
C ALA C 83 -16.97 7.41 2.32
N PHE C 84 -17.32 8.54 1.68
CA PHE C 84 -18.54 8.76 0.88
C PHE C 84 -18.50 10.15 0.23
N GLY C 85 -19.41 10.41 -0.71
CA GLY C 85 -19.54 11.73 -1.37
C GLY C 85 -20.55 11.72 -2.51
N HIS C 86 -20.40 12.65 -3.46
CA HIS C 86 -21.23 12.81 -4.69
C HIS C 86 -20.38 13.36 -5.83
N LYS C 87 -20.63 12.91 -7.07
CA LYS C 87 -19.96 13.37 -8.32
C LYS C 87 -18.47 13.02 -8.25
N SER C 88 -17.57 14.01 -8.37
CA SER C 88 -16.09 13.86 -8.24
C SER C 88 -15.60 14.52 -6.94
N ASN C 89 -16.42 14.51 -5.89
CA ASN C 89 -16.11 15.04 -4.53
C ASN C 89 -16.37 13.93 -3.50
N ILE C 90 -15.38 13.64 -2.66
CA ILE C 90 -15.48 12.62 -1.56
C ILE C 90 -15.26 13.33 -0.21
N SER C 91 -15.90 12.80 0.84
CA SER C 91 -15.70 13.16 2.26
C SER C 91 -15.07 11.96 3.01
N LEU C 92 -13.84 12.11 3.49
CA LEU C 92 -13.15 11.10 4.34
C LEU C 92 -13.47 11.40 5.80
N VAL C 93 -13.94 10.40 6.56
CA VAL C 93 -14.26 10.50 8.00
C VAL C 93 -13.11 9.89 8.80
N PHE C 94 -12.60 10.63 9.78
CA PHE C 94 -11.47 10.22 10.64
C PHE C 94 -11.86 10.38 12.10
N ASP C 95 -11.14 9.70 12.99
CA ASP C 95 -11.18 10.01 14.44
C ASP C 95 -10.90 11.51 14.55
N PHE C 96 -11.63 12.21 15.42
CA PHE C 96 -11.39 13.64 15.72
C PHE C 96 -10.18 13.73 16.66
N MET C 97 -9.15 14.47 16.26
CA MET C 97 -7.93 14.70 17.09
C MET C 97 -7.98 16.12 17.68
N GLU C 98 -7.55 16.26 18.94
CA GLU C 98 -7.65 17.49 19.75
C GLU C 98 -6.56 18.51 19.39
N THR C 99 -5.33 18.04 19.16
CA THR C 99 -4.16 18.92 18.92
C THR C 99 -3.13 18.18 18.06
N ASP C 100 -1.97 18.79 17.88
CA ASP C 100 -0.81 18.16 17.20
C ASP C 100 0.47 18.58 17.93
N LEU C 101 1.58 17.96 17.57
CA LEU C 101 2.86 18.22 18.28
C LEU C 101 3.28 19.69 18.07
N GLU C 102 3.05 20.23 16.86
CA GLU C 102 3.41 21.62 16.47
C GLU C 102 2.83 22.59 17.50
N VAL C 103 1.54 22.42 17.85
CA VAL C 103 0.85 23.25 18.87
C VAL C 103 1.57 23.08 20.21
N ILE C 104 1.93 21.83 20.56
CA ILE C 104 2.60 21.47 21.84
C ILE C 104 3.96 22.18 21.87
N ILE C 105 4.78 21.94 20.85
CA ILE C 105 6.15 22.51 20.71
C ILE C 105 6.07 24.04 20.83
N LYS C 106 5.19 24.68 20.06
CA LYS C 106 5.08 26.16 19.96
C LYS C 106 4.45 26.76 21.22
N ASP C 107 3.76 25.97 22.05
CA ASP C 107 3.12 26.44 23.30
C ASP C 107 4.22 26.68 24.35
N ASN C 108 4.55 27.96 24.61
CA ASN C 108 5.62 28.38 25.55
C ASN C 108 5.23 28.06 27.00
N SER C 109 3.93 27.97 27.31
CA SER C 109 3.39 27.73 28.67
C SER C 109 3.78 26.33 29.16
N LEU C 110 3.58 25.30 28.34
CA LEU C 110 3.78 23.87 28.74
C LEU C 110 5.26 23.51 28.64
N VAL C 111 5.78 22.83 29.67
CA VAL C 111 7.18 22.33 29.75
C VAL C 111 7.21 20.90 29.21
N LEU C 112 8.08 20.64 28.24
CA LEU C 112 8.30 19.29 27.66
C LEU C 112 9.41 18.59 28.45
N THR C 113 9.02 17.81 29.46
CA THR C 113 9.92 16.99 30.32
C THR C 113 10.54 15.89 29.47
N PRO C 114 11.68 15.28 29.88
CA PRO C 114 12.24 14.13 29.16
C PRO C 114 11.25 12.96 28.98
N SER C 115 10.42 12.69 29.99
CA SER C 115 9.37 11.64 29.96
C SER C 115 8.35 11.93 28.84
N HIS C 116 7.89 13.18 28.73
CA HIS C 116 6.96 13.63 27.65
C HIS C 116 7.61 13.36 26.29
N ILE C 117 8.85 13.81 26.10
CA ILE C 117 9.57 13.65 24.82
C ILE C 117 9.62 12.17 24.48
N LYS C 118 9.97 11.33 25.47
CA LYS C 118 10.15 9.87 25.24
C LYS C 118 8.83 9.27 24.74
N ALA C 119 7.72 9.64 25.39
CA ALA C 119 6.33 9.19 25.10
C ALA C 119 5.96 9.55 23.67
N TYR C 120 6.11 10.82 23.31
CA TYR C 120 5.82 11.29 21.93
C TYR C 120 6.63 10.46 20.94
N MET C 121 7.94 10.30 21.20
CA MET C 121 8.85 9.59 20.29
C MET C 121 8.46 8.10 20.20
N LEU C 122 8.08 7.52 21.33
CA LEU C 122 7.71 6.08 21.41
C LEU C 122 6.53 5.84 20.47
N MET C 123 5.46 6.60 20.64
CA MET C 123 4.22 6.46 19.81
C MET C 123 4.50 6.75 18.36
N THR C 124 5.22 7.83 18.05
CA THR C 124 5.68 8.10 16.69
C THR C 124 6.37 6.85 16.13
N LEU C 125 7.33 6.30 16.90
CA LEU C 125 8.10 5.15 16.40
C LEU C 125 7.26 3.86 16.30
N GLN C 126 6.36 3.62 17.24
CA GLN C 126 5.47 2.42 17.22
C GLN C 126 4.55 2.51 16.00
N GLY C 127 3.98 3.70 15.77
CA GLY C 127 3.21 3.90 14.52
C GLY C 127 4.05 3.70 13.32
N LEU C 128 5.25 4.26 13.34
CA LEU C 128 6.15 4.14 12.19
C LEU C 128 6.63 2.69 12.00
N GLU C 129 6.90 1.97 13.08
CA GLU C 129 7.33 0.54 12.99
C GLU C 129 6.23 -0.26 12.25
N TYR C 130 4.99 -0.05 12.66
CA TYR C 130 3.81 -0.73 12.05
C TYR C 130 3.72 -0.34 10.59
N LEU C 131 3.75 0.98 10.32
CA LEU C 131 3.69 1.46 8.93
C LEU C 131 4.79 0.86 8.08
N HIS C 132 6.06 0.94 8.55
CA HIS C 132 7.19 0.42 7.78
C HIS C 132 7.07 -1.11 7.59
N GLN C 133 6.53 -1.80 8.60
CA GLN C 133 6.31 -3.29 8.54
C GLN C 133 5.39 -3.60 7.35
N HIS C 134 4.43 -2.70 7.06
CA HIS C 134 3.47 -2.82 5.94
C HIS C 134 3.95 -2.08 4.72
N TRP C 135 5.26 -1.81 4.64
CA TRP C 135 5.95 -1.37 3.43
C TRP C 135 5.36 -0.06 2.93
N ILE C 136 5.04 0.83 3.85
CA ILE C 136 4.55 2.20 3.54
C ILE C 136 5.47 3.23 4.24
N LEU C 137 5.94 4.23 3.47
CA LEU C 137 6.57 5.47 4.03
C LEU C 137 5.52 6.56 4.16
N HIS C 138 5.54 7.33 5.25
CA HIS C 138 4.64 8.49 5.51
C HIS C 138 5.05 9.65 4.60
N ARG C 139 6.31 10.07 4.66
CA ARG C 139 6.93 11.08 3.74
C ARG C 139 6.39 12.48 4.02
N ASP C 140 5.72 12.69 5.13
CA ASP C 140 5.29 14.05 5.49
C ASP C 140 5.33 14.20 6.98
N LEU C 141 6.32 13.57 7.63
CA LEU C 141 6.41 13.64 9.08
C LEU C 141 6.84 15.07 9.43
N LYS C 142 6.15 15.64 10.39
CA LYS C 142 6.42 16.98 10.96
C LYS C 142 5.48 17.10 12.14
N PRO C 143 5.75 17.97 13.13
CA PRO C 143 4.92 18.01 14.32
C PRO C 143 3.42 18.15 14.03
N ASN C 144 3.03 18.89 12.98
CA ASN C 144 1.59 19.17 12.70
C ASN C 144 0.90 17.94 12.06
N ASN C 145 1.65 16.94 11.60
CA ASN C 145 1.08 15.64 11.11
C ASN C 145 1.14 14.57 12.20
N LEU C 146 1.53 14.94 13.43
CA LEU C 146 1.47 14.07 14.62
C LEU C 146 0.36 14.58 15.50
N LEU C 147 -0.83 14.01 15.28
CA LEU C 147 -2.07 14.45 15.96
C LEU C 147 -2.16 13.69 17.28
N LEU C 148 -2.67 14.35 18.31
CA LEU C 148 -2.93 13.79 19.65
C LEU C 148 -4.44 13.83 19.89
N ASP C 149 -5.02 12.77 20.45
CA ASP C 149 -6.44 12.74 20.88
C ASP C 149 -6.50 13.19 22.34
N GLU C 150 -7.70 13.29 22.90
CA GLU C 150 -7.95 13.75 24.30
C GLU C 150 -7.26 12.79 25.29
N ASN C 151 -7.02 11.54 24.89
CA ASN C 151 -6.39 10.48 25.73
C ASN C 151 -4.87 10.46 25.56
N GLY C 152 -4.30 11.37 24.76
CA GLY C 152 -2.84 11.50 24.59
C GLY C 152 -2.27 10.35 23.80
N VAL C 153 -3.06 9.79 22.89
CA VAL C 153 -2.59 8.79 21.90
C VAL C 153 -2.17 9.59 20.67
N LEU C 154 -0.92 9.46 20.27
CA LEU C 154 -0.38 10.18 19.11
C LEU C 154 -0.65 9.30 17.90
N LYS C 155 -1.12 9.90 16.81
CA LYS C 155 -1.39 9.18 15.55
C LYS C 155 -0.68 9.89 14.42
N LEU C 156 -0.02 9.14 13.56
CA LEU C 156 0.48 9.65 12.28
C LEU C 156 -0.80 9.99 11.50
N ALA C 157 -0.87 11.20 10.96
CA ALA C 157 -2.00 11.65 10.12
C ALA C 157 -1.44 12.25 8.85
N ASP C 158 -2.35 12.58 7.92
CA ASP C 158 -2.04 13.17 6.60
C ASP C 158 -1.22 12.17 5.79
N PHE C 159 -1.90 11.20 5.19
CA PHE C 159 -1.28 10.16 4.34
C PHE C 159 -1.32 10.55 2.87
N GLY C 160 -1.58 11.85 2.59
CA GLY C 160 -1.63 12.38 1.23
C GLY C 160 -0.34 12.25 0.46
N LEU C 161 0.81 12.09 1.14
CA LEU C 161 2.09 11.87 0.44
C LEU C 161 2.63 10.46 0.70
N ALA C 162 1.95 9.66 1.54
CA ALA C 162 2.39 8.31 1.95
C ALA C 162 2.45 7.41 0.72
N LYS C 163 3.39 6.46 0.69
CA LYS C 163 3.61 5.64 -0.51
C LYS C 163 4.25 4.32 -0.09
N SER C 164 3.87 3.24 -0.76
CA SER C 164 4.47 1.91 -0.52
C SER C 164 5.94 2.00 -0.93
N PHE C 165 6.83 1.30 -0.24
CA PHE C 165 8.26 1.21 -0.64
C PHE C 165 8.67 -0.26 -0.68
N GLY C 166 9.86 -0.51 -1.21
CA GLY C 166 10.48 -1.85 -1.32
C GLY C 166 10.21 -2.50 -2.66
N SER C 167 9.64 -1.76 -3.61
CA SER C 167 9.48 -2.18 -5.02
C SER C 167 10.59 -1.54 -5.85
N PRO C 168 11.39 -2.32 -6.62
CA PRO C 168 12.44 -1.74 -7.47
C PRO C 168 11.90 -0.95 -8.66
N ASN C 169 10.81 -1.41 -9.27
CA ASN C 169 10.17 -0.82 -10.49
C ASN C 169 9.66 0.60 -10.20
N ARG C 170 9.15 0.85 -8.99
CA ARG C 170 8.48 2.12 -8.60
C ARG C 170 9.51 3.24 -8.49
N ALA C 171 9.32 4.34 -9.23
CA ALA C 171 10.13 5.57 -9.18
C ALA C 171 9.41 6.63 -8.35
N TYR C 172 10.12 7.32 -7.47
CA TYR C 172 9.58 8.32 -6.50
C TYR C 172 10.12 9.71 -6.83
N THR C 173 9.57 10.73 -6.16
CA THR C 173 10.01 12.15 -6.24
C THR C 173 10.78 12.51 -4.96
N HIS C 174 11.73 13.43 -5.09
CA HIS C 174 12.68 13.85 -4.02
C HIS C 174 12.16 15.09 -3.28
N GLN C 175 11.10 15.73 -3.77
CA GLN C 175 10.53 17.00 -3.23
C GLN C 175 9.60 16.70 -2.05
N VAL C 176 9.48 15.44 -1.63
CA VAL C 176 8.63 15.01 -0.47
C VAL C 176 9.30 15.42 0.83
N VAL C 177 8.50 15.49 1.88
CA VAL C 177 8.85 15.98 3.25
C VAL C 177 9.03 17.50 3.15
N THR C 178 8.30 18.25 3.98
CA THR C 178 8.51 19.72 4.14
C THR C 178 10.00 19.96 4.46
N ARG C 179 10.54 21.05 3.91
CA ARG C 179 12.00 21.25 3.75
C ARG C 179 12.75 21.05 5.06
N TRP C 180 12.21 21.56 6.17
CA TRP C 180 12.90 21.62 7.49
C TRP C 180 13.13 20.21 8.03
N TYR C 181 12.37 19.22 7.55
CA TYR C 181 12.38 17.81 8.04
C TYR C 181 12.87 16.87 6.96
N ARG C 182 13.30 17.40 5.83
CA ARG C 182 13.75 16.63 4.66
C ARG C 182 15.19 16.16 4.93
N ALA C 183 15.43 14.88 4.65
CA ALA C 183 16.71 14.19 4.88
C ALA C 183 17.67 14.59 3.78
N PRO C 184 18.99 14.62 4.04
CA PRO C 184 19.96 15.03 3.02
C PRO C 184 19.90 14.20 1.74
N GLU C 185 19.63 12.88 1.79
CA GLU C 185 19.51 12.06 0.57
C GLU C 185 18.37 12.58 -0.33
N LEU C 186 17.29 13.08 0.28
CA LEU C 186 16.17 13.72 -0.48
C LEU C 186 16.67 15.04 -1.08
N LEU C 187 17.31 15.87 -0.25
CA LEU C 187 17.85 17.19 -0.66
C LEU C 187 18.90 17.02 -1.76
N PHE C 188 19.61 15.88 -1.82
CA PHE C 188 20.53 15.52 -2.92
C PHE C 188 19.82 14.75 -4.05
N GLY C 189 18.50 14.65 -4.01
CA GLY C 189 17.70 14.15 -5.15
C GLY C 189 17.56 12.65 -5.21
N ALA C 190 17.57 11.95 -4.06
CA ALA C 190 17.32 10.49 -3.98
C ALA C 190 15.94 10.21 -4.58
N ARG C 191 15.93 9.43 -5.67
CA ARG C 191 14.73 8.91 -6.37
C ARG C 191 14.24 7.66 -5.61
N MET C 192 15.18 6.80 -5.20
CA MET C 192 14.89 5.61 -4.36
C MET C 192 15.36 5.89 -2.94
N TYR C 193 14.55 5.49 -1.98
CA TYR C 193 14.89 5.68 -0.56
C TYR C 193 14.00 4.73 0.23
N GLY C 194 14.23 4.69 1.53
CA GLY C 194 13.47 3.80 2.43
C GLY C 194 13.12 4.52 3.67
N VAL C 195 13.06 3.80 4.78
CA VAL C 195 12.51 4.31 6.05
C VAL C 195 13.33 5.53 6.53
N GLY C 196 14.57 5.69 6.05
CA GLY C 196 15.45 6.82 6.42
C GLY C 196 14.80 8.18 6.22
N VAL C 197 13.96 8.33 5.20
CA VAL C 197 13.21 9.61 4.98
C VAL C 197 12.28 9.90 6.15
N ASP C 198 11.65 8.90 6.76
CA ASP C 198 10.80 9.11 7.93
C ASP C 198 11.71 9.30 9.15
N MET C 199 12.78 8.51 9.26
CA MET C 199 13.55 8.48 10.52
C MET C 199 14.27 9.83 10.70
N TRP C 200 14.74 10.42 9.60
CA TRP C 200 15.39 11.76 9.61
C TRP C 200 14.41 12.80 10.11
N ALA C 201 13.19 12.76 9.55
CA ALA C 201 12.12 13.66 10.03
C ALA C 201 11.85 13.38 11.49
N VAL C 202 11.92 12.10 11.93
CA VAL C 202 11.72 11.78 13.36
C VAL C 202 12.85 12.44 14.18
N GLY C 203 14.08 12.43 13.70
CA GLY C 203 15.20 13.13 14.37
C GLY C 203 14.94 14.64 14.45
N CYS C 204 14.46 15.23 13.37
CA CYS C 204 14.11 16.68 13.30
C CYS C 204 12.99 17.00 14.27
N ILE C 205 12.00 16.11 14.41
CA ILE C 205 10.89 16.28 15.39
C ILE C 205 11.47 16.20 16.79
N LEU C 206 12.31 15.19 17.05
CA LEU C 206 12.96 15.03 18.35
C LEU C 206 13.71 16.33 18.67
N ALA C 207 14.45 16.87 17.72
CA ALA C 207 15.32 18.08 17.88
C ALA C 207 14.44 19.30 18.17
N GLU C 208 13.29 19.38 17.52
CA GLU C 208 12.28 20.44 17.74
C GLU C 208 11.63 20.27 19.10
N LEU C 209 11.39 19.04 19.57
CA LEU C 209 10.85 18.78 20.93
C LEU C 209 11.89 19.26 21.97
N LEU C 210 13.18 19.07 21.70
CA LEU C 210 14.26 19.39 22.69
C LEU C 210 14.55 20.91 22.72
N LEU C 211 14.54 21.57 21.58
CA LEU C 211 14.89 23.01 21.41
C LEU C 211 13.65 23.93 21.45
N ARG C 212 12.46 23.42 21.11
CA ARG C 212 11.16 24.15 21.03
C ARG C 212 11.13 25.10 19.82
N VAL C 213 12.03 24.92 18.87
CA VAL C 213 12.13 25.69 17.60
C VAL C 213 12.60 24.74 16.53
N PRO C 214 12.26 24.97 15.24
CA PRO C 214 12.76 24.13 14.17
C PRO C 214 14.29 24.04 14.24
N PHE C 215 14.80 22.83 14.05
CA PHE C 215 16.23 22.51 14.22
C PHE C 215 17.00 23.16 13.07
N LEU C 216 16.52 22.96 11.84
CA LEU C 216 17.24 23.26 10.59
C LEU C 216 16.37 24.10 9.66
N PRO C 217 16.05 25.37 10.02
CA PRO C 217 15.08 26.16 9.26
C PRO C 217 15.68 26.75 7.98
N GLY C 218 15.77 25.95 6.91
CA GLY C 218 16.35 26.36 5.62
C GLY C 218 15.32 27.03 4.73
N ASP C 219 15.70 28.12 4.07
CA ASP C 219 14.79 28.95 3.21
C ASP C 219 14.76 28.40 1.77
N SER C 220 15.66 27.48 1.42
CA SER C 220 15.78 26.84 0.09
C SER C 220 16.43 25.46 0.23
N ASP C 221 16.43 24.67 -0.84
CA ASP C 221 17.03 23.31 -0.84
C ASP C 221 18.54 23.41 -0.58
N LEU C 222 19.18 24.51 -0.98
CA LEU C 222 20.64 24.74 -0.77
C LEU C 222 20.87 25.26 0.65
N ASP C 223 20.01 26.14 1.15
CA ASP C 223 20.12 26.65 2.55
C ASP C 223 19.82 25.52 3.55
N GLN C 224 19.01 24.53 3.14
CA GLN C 224 18.64 23.38 4.01
C GLN C 224 19.89 22.50 4.22
N LEU C 225 20.52 22.06 3.13
CA LEU C 225 21.81 21.29 3.08
C LEU C 225 22.94 22.02 3.82
N THR C 226 23.05 23.34 3.65
CA THR C 226 24.03 24.20 4.36
C THR C 226 23.85 24.06 5.88
N ARG C 227 22.62 24.28 6.37
CA ARG C 227 22.31 24.28 7.82
C ARG C 227 22.55 22.91 8.41
N ILE C 228 22.33 21.85 7.60
CA ILE C 228 22.52 20.45 8.05
C ILE C 228 24.02 20.28 8.31
N PHE C 229 24.83 20.65 7.33
CA PHE C 229 26.31 20.43 7.30
C PHE C 229 26.98 21.41 8.27
N GLU C 230 26.48 22.64 8.43
CA GLU C 230 27.05 23.62 9.42
C GLU C 230 26.79 23.12 10.84
N THR C 231 25.72 22.36 11.08
CA THR C 231 25.30 21.87 12.43
C THR C 231 25.93 20.48 12.68
N LEU C 232 25.84 19.55 11.72
CA LEU C 232 26.17 18.10 11.93
C LEU C 232 27.52 17.75 11.29
N GLY C 233 28.16 18.71 10.61
CA GLY C 233 29.39 18.51 9.83
C GLY C 233 29.07 18.13 8.40
N THR C 234 29.92 18.52 7.45
CA THR C 234 29.84 18.03 6.06
C THR C 234 30.18 16.54 6.09
N PRO C 235 29.27 15.65 5.64
CA PRO C 235 29.57 14.23 5.57
C PRO C 235 30.70 13.97 4.56
N THR C 236 31.51 12.95 4.84
CA THR C 236 32.61 12.45 3.97
C THR C 236 32.17 11.14 3.33
N GLU C 237 32.99 10.62 2.41
CA GLU C 237 32.78 9.32 1.71
C GLU C 237 32.93 8.17 2.71
N GLU C 238 33.54 8.42 3.87
CA GLU C 238 33.60 7.47 5.02
C GLU C 238 32.20 7.32 5.61
N GLN C 239 31.56 8.43 5.99
CA GLN C 239 30.26 8.47 6.70
C GLN C 239 29.09 8.15 5.76
N TRP C 240 29.27 8.26 4.44
CA TRP C 240 28.18 8.14 3.43
C TRP C 240 28.78 7.69 2.11
N PRO C 241 29.06 6.38 1.95
CA PRO C 241 29.88 5.86 0.85
C PRO C 241 29.60 6.43 -0.55
N ASP C 242 28.33 6.48 -0.97
CA ASP C 242 27.93 6.75 -2.39
C ASP C 242 27.21 8.10 -2.50
N MET C 243 27.43 9.03 -1.58
CA MET C 243 26.74 10.35 -1.53
C MET C 243 26.88 11.07 -2.89
N CYS C 244 28.05 10.96 -3.53
CA CYS C 244 28.42 11.65 -4.80
C CYS C 244 27.67 11.06 -6.01
N SER C 245 27.08 9.87 -5.90
CA SER C 245 26.29 9.23 -6.99
C SER C 245 24.86 9.79 -7.03
N LEU C 246 24.39 10.50 -6.00
CA LEU C 246 23.03 11.13 -5.96
C LEU C 246 22.98 12.29 -6.96
N PRO C 247 21.89 12.39 -7.76
CA PRO C 247 21.91 13.16 -9.01
C PRO C 247 22.06 14.68 -8.82
N ASP C 248 21.52 15.22 -7.72
CA ASP C 248 21.62 16.66 -7.33
C ASP C 248 22.66 16.84 -6.22
N TYR C 249 23.69 16.00 -6.17
CA TYR C 249 24.82 16.17 -5.21
C TYR C 249 25.64 17.39 -5.62
N VAL C 250 25.84 18.31 -4.67
CA VAL C 250 26.71 19.51 -4.80
C VAL C 250 27.77 19.45 -3.70
N THR C 251 29.04 19.54 -4.08
CA THR C 251 30.22 19.53 -3.16
C THR C 251 30.15 20.78 -2.30
N PHE C 252 30.19 20.61 -0.97
CA PHE C 252 29.99 21.68 0.04
C PHE C 252 31.33 21.98 0.74
N LYS C 253 31.40 23.16 1.37
CA LYS C 253 32.50 23.57 2.30
C LYS C 253 32.50 22.60 3.50
N SER C 254 33.67 22.07 3.84
CA SER C 254 33.86 21.07 4.94
C SER C 254 33.75 21.78 6.29
N PHE C 255 32.60 21.66 6.96
CA PHE C 255 32.35 22.20 8.33
C PHE C 255 32.71 21.13 9.35
N PRO C 256 33.15 21.50 10.58
CA PRO C 256 33.38 20.52 11.64
C PRO C 256 32.08 19.99 12.26
N GLY C 257 31.04 20.83 12.32
CA GLY C 257 29.72 20.48 12.90
C GLY C 257 29.75 20.57 14.41
N ILE C 258 28.69 21.13 15.02
CA ILE C 258 28.63 21.37 16.49
C ILE C 258 28.40 20.02 17.17
N PRO C 259 29.30 19.57 18.08
CA PRO C 259 29.07 18.35 18.85
C PRO C 259 27.66 18.32 19.46
N LEU C 260 26.98 17.17 19.35
CA LEU C 260 25.53 17.03 19.67
C LEU C 260 25.27 17.46 21.13
N HIS C 261 26.21 17.20 22.04
CA HIS C 261 26.11 17.59 23.47
C HIS C 261 26.11 19.12 23.63
N HIS C 262 26.74 19.88 22.73
CA HIS C 262 26.72 21.36 22.71
C HIS C 262 25.36 21.88 22.21
N ILE C 263 24.78 21.22 21.21
CA ILE C 263 23.42 21.54 20.67
C ILE C 263 22.38 21.23 21.76
N PHE C 264 22.38 19.99 22.24
CA PHE C 264 21.36 19.44 23.16
C PHE C 264 21.95 19.33 24.57
N SER C 265 22.18 20.48 25.20
CA SER C 265 22.91 20.62 26.50
C SER C 265 22.31 19.71 27.58
N ALA C 266 20.98 19.58 27.62
CA ALA C 266 20.23 18.82 28.65
C ALA C 266 20.05 17.34 28.26
N ALA C 267 20.45 16.93 27.05
CA ALA C 267 20.31 15.54 26.56
C ALA C 267 21.33 14.62 27.26
N GLY C 268 20.83 13.59 27.95
CA GLY C 268 21.63 12.46 28.44
C GLY C 268 22.28 11.69 27.30
N ASP C 269 23.25 10.84 27.61
CA ASP C 269 24.07 10.08 26.61
C ASP C 269 23.18 9.11 25.81
N ASP C 270 22.18 8.51 26.45
CA ASP C 270 21.23 7.56 25.78
C ASP C 270 20.49 8.34 24.67
N LEU C 271 19.99 9.54 24.99
CA LEU C 271 19.22 10.37 24.04
C LEU C 271 20.14 10.86 22.92
N LEU C 272 21.38 11.28 23.25
CA LEU C 272 22.37 11.68 22.22
C LEU C 272 22.65 10.50 21.29
N ASP C 273 22.71 9.27 21.80
CA ASP C 273 22.92 8.05 20.95
C ASP C 273 21.71 7.86 20.02
N LEU C 274 20.50 8.09 20.52
CA LEU C 274 19.26 8.03 19.67
C LEU C 274 19.37 9.09 18.58
N ILE C 275 19.60 10.35 18.97
CA ILE C 275 19.70 11.53 18.06
C ILE C 275 20.78 11.21 17.02
N GLN C 276 21.96 10.80 17.49
CA GLN C 276 23.09 10.46 16.60
C GLN C 276 22.59 9.48 15.54
N GLY C 277 21.88 8.42 15.96
CA GLY C 277 21.44 7.35 15.04
C GLY C 277 20.36 7.84 14.08
N LEU C 278 19.50 8.75 14.51
CA LEU C 278 18.45 9.32 13.60
C LEU C 278 19.09 10.27 12.61
N PHE C 279 20.22 10.92 12.99
CA PHE C 279 20.90 11.91 12.12
C PHE C 279 22.14 11.35 11.45
N LEU C 280 22.33 10.01 11.43
CA LEU C 280 23.40 9.47 10.57
C LEU C 280 23.09 9.93 9.16
N PHE C 281 24.11 10.48 8.49
CA PHE C 281 24.04 10.87 7.06
C PHE C 281 23.72 9.66 6.20
N ASN C 282 24.36 8.52 6.45
CA ASN C 282 24.14 7.29 5.64
C ASN C 282 22.73 6.78 5.95
N PRO C 283 21.77 6.79 4.99
CA PRO C 283 20.40 6.40 5.31
C PRO C 283 20.25 4.90 5.66
N CYS C 284 21.13 4.04 5.13
CA CYS C 284 21.21 2.58 5.48
C CYS C 284 21.57 2.42 6.97
N ALA C 285 22.60 3.14 7.42
CA ALA C 285 23.10 3.10 8.80
C ALA C 285 22.10 3.77 9.72
N ARG C 286 21.35 4.78 9.22
CA ARG C 286 20.40 5.54 10.05
C ARG C 286 19.51 4.51 10.70
N ILE C 287 19.17 4.70 11.94
CA ILE C 287 18.45 3.67 12.74
C ILE C 287 17.04 3.52 12.18
N THR C 288 16.55 2.27 12.12
CA THR C 288 15.14 1.97 11.74
C THR C 288 14.25 2.27 12.93
N ALA C 289 12.93 2.24 12.75
CA ALA C 289 11.97 2.42 13.84
C ALA C 289 12.17 1.31 14.87
N THR C 290 12.27 0.06 14.43
CA THR C 290 12.44 -1.10 15.38
C THR C 290 13.78 -0.91 16.15
N GLN C 291 14.86 -0.56 15.45
CA GLN C 291 16.19 -0.36 16.10
C GLN C 291 16.12 0.79 17.10
N ALA C 292 15.51 1.90 16.68
CA ALA C 292 15.28 3.05 17.56
C ALA C 292 14.53 2.57 18.80
N LEU C 293 13.46 1.79 18.61
CA LEU C 293 12.63 1.29 19.71
C LEU C 293 13.44 0.40 20.66
N LYS C 294 14.40 -0.37 20.15
CA LYS C 294 15.24 -1.30 20.97
C LYS C 294 16.37 -0.54 21.70
N MET C 295 16.59 0.74 21.38
CA MET C 295 17.71 1.53 21.98
C MET C 295 17.46 1.74 23.47
N LYS C 296 18.56 1.91 24.22
CA LYS C 296 18.52 1.99 25.70
C LYS C 296 17.70 3.20 26.10
N TYR C 297 17.75 4.28 25.30
CA TYR C 297 16.94 5.49 25.58
C TYR C 297 15.52 5.10 25.99
N PHE C 298 14.87 4.21 25.23
CA PHE C 298 13.44 3.86 25.45
C PHE C 298 13.31 2.97 26.70
N SER C 299 14.27 2.08 26.94
CA SER C 299 14.33 1.12 28.09
C SER C 299 14.64 1.84 29.41
N ASN C 300 15.48 2.90 29.39
CA ASN C 300 16.04 3.54 30.61
C ASN C 300 14.97 4.33 31.37
N ARG C 301 15.33 4.75 32.58
CA ARG C 301 14.57 5.71 33.41
C ARG C 301 14.79 7.10 32.83
N PRO C 302 13.83 8.04 32.95
CA PRO C 302 12.47 7.74 33.40
C PRO C 302 11.67 7.08 32.26
N GLY C 303 10.58 6.40 32.60
CA GLY C 303 9.69 5.76 31.62
C GLY C 303 8.88 6.82 30.86
N PRO C 304 8.32 6.48 29.69
CA PRO C 304 7.54 7.44 28.89
C PRO C 304 6.28 7.82 29.68
N THR C 305 5.87 9.09 29.64
CA THR C 305 4.63 9.59 30.28
C THR C 305 3.46 8.80 29.72
N PRO C 306 2.54 8.28 30.58
CA PRO C 306 1.26 7.73 30.10
C PRO C 306 0.41 8.80 29.39
N GLY C 307 -0.29 8.41 28.30
CA GLY C 307 -1.10 9.27 27.43
C GLY C 307 -1.90 10.31 28.20
N CYS C 308 -2.63 9.90 29.25
CA CYS C 308 -3.57 10.74 30.04
C CYS C 308 -2.83 11.87 30.79
N GLN C 309 -1.52 11.73 31.02
CA GLN C 309 -0.69 12.71 31.78
C GLN C 309 0.11 13.61 30.84
N LEU C 310 0.11 13.36 29.52
CA LEU C 310 0.82 14.24 28.55
C LEU C 310 0.19 15.64 28.59
N PRO C 311 0.99 16.70 28.33
CA PRO C 311 0.50 18.08 28.44
C PRO C 311 -0.47 18.44 27.31
N ARG C 312 -1.52 19.19 27.66
CA ARG C 312 -2.62 19.62 26.76
C ARG C 312 -2.55 21.15 26.61
N PRO C 313 -2.56 21.70 25.37
CA PRO C 313 -2.55 23.15 25.18
C PRO C 313 -3.80 23.84 25.78
#